data_9OOI
#
_entry.id   9OOI
#
_cell.length_a   134.168
_cell.length_b   232.027
_cell.length_c   75.645
_cell.angle_alpha   90.00
_cell.angle_beta   90.00
_cell.angle_gamma   90.00
#
_symmetry.space_group_name_H-M   'C 2 2 21'
#
loop_
_entity.id
_entity.type
_entity.pdbx_description
1 polymer 'dihydrofolate reductase'
2 non-polymer 'NADP NICOTINAMIDE-ADENINE-DINUCLEOTIDE PHOSPHATE'
3 non-polymer '2-({4-[(2-amino-4-oxo-4,7-dihydro-1H-pyrrolo[2,3-d]pyrimidin-5-yl)methyl]benzene-1-carbonyl}amino)benzoic acid'
4 water water
#
_entity_poly.entity_id   1
_entity_poly.type   'polypeptide(L)'
_entity_poly.pdbx_seq_one_letter_code
;MAHHHHHHAMATRTLHMNLIVAVDGCGGIGRNGGMPWFLPAEMARFAKLTTLTTDSGKKNAVIMGRKVWESIPPKFRPLK
SRFNVVLSKKMKEESNENVVVARSFESAVSLLQDMENIETIWNIGGREVYELGLNSPFLHQMYITRVEGDFLADVFFPRV
DYGRFIKSTESEEMHEEKGIKYRYEIYTIKTDK
;
_entity_poly.pdbx_strand_id   A,B,C
#
# COMPACT_ATOMS: atom_id res chain seq x y z
CA ARG A 13 19.51 -24.79 -31.42
C ARG A 13 19.39 -23.81 -30.25
N THR A 14 19.38 -22.52 -30.57
CA THR A 14 19.23 -21.48 -29.57
C THR A 14 17.77 -21.35 -29.15
N LEU A 15 17.54 -21.11 -27.86
CA LEU A 15 16.21 -20.98 -27.30
C LEU A 15 16.17 -19.77 -26.37
N HIS A 16 15.28 -18.83 -26.67
CA HIS A 16 15.13 -17.61 -25.90
C HIS A 16 13.85 -17.67 -25.08
N MET A 17 13.93 -17.30 -23.80
CA MET A 17 12.75 -17.08 -22.98
C MET A 17 12.58 -15.57 -22.80
N ASN A 18 11.53 -15.03 -23.42
CA ASN A 18 11.22 -13.61 -23.33
C ASN A 18 10.04 -13.41 -22.40
N LEU A 19 10.18 -12.51 -21.44
CA LEU A 19 9.08 -12.14 -20.56
C LEU A 19 8.25 -11.04 -21.20
N ILE A 20 6.93 -11.15 -21.10
CA ILE A 20 6.03 -10.15 -21.63
C ILE A 20 4.99 -9.79 -20.57
N VAL A 21 4.88 -8.49 -20.25
CA VAL A 21 4.06 -8.02 -19.15
C VAL A 21 3.60 -6.59 -19.44
N ALA A 22 2.48 -6.21 -18.83
CA ALA A 22 1.98 -4.85 -18.85
C ALA A 22 1.80 -4.38 -17.40
N VAL A 23 2.58 -3.39 -16.99
CA VAL A 23 2.55 -2.89 -15.62
C VAL A 23 2.03 -1.46 -15.62
N ASP A 24 1.49 -1.06 -14.48
CA ASP A 24 0.98 0.29 -14.28
C ASP A 24 2.06 1.15 -13.61
N GLY A 25 1.65 2.29 -13.05
CA GLY A 25 2.61 3.19 -12.43
C GLY A 25 3.23 2.66 -11.16
N CYS A 26 2.60 1.68 -10.51
CA CYS A 26 3.13 1.07 -9.29
C CYS A 26 3.66 -0.33 -9.54
N GLY A 27 3.88 -0.72 -10.79
CA GLY A 27 4.30 -2.07 -11.08
C GLY A 27 3.24 -3.11 -10.87
N GLY A 28 1.99 -2.70 -10.68
CA GLY A 28 0.92 -3.66 -10.51
C GLY A 28 0.50 -4.28 -11.83
N ILE A 29 0.14 -5.56 -11.77
CA ILE A 29 -0.20 -6.31 -12.98
C ILE A 29 -1.60 -6.89 -12.88
N GLY A 30 -2.05 -7.17 -11.66
CA GLY A 30 -3.31 -7.86 -11.48
C GLY A 30 -4.08 -7.31 -10.30
N ARG A 31 -5.41 -7.32 -10.44
CA ARG A 31 -6.33 -6.88 -9.40
C ARG A 31 -7.51 -7.82 -9.36
N ASN A 32 -7.74 -8.44 -8.18
CA ASN A 32 -8.90 -9.31 -7.95
C ASN A 32 -8.93 -10.48 -8.93
N GLY A 33 -7.77 -11.11 -9.13
CA GLY A 33 -7.66 -12.26 -9.99
C GLY A 33 -7.72 -11.96 -11.47
N GLY A 34 -8.02 -10.72 -11.86
CA GLY A 34 -8.03 -10.35 -13.26
C GLY A 34 -7.14 -9.15 -13.53
N MET A 35 -7.21 -8.62 -14.75
CA MET A 35 -6.39 -7.46 -15.10
C MET A 35 -7.14 -6.17 -14.77
N PRO A 36 -6.42 -5.14 -14.31
CA PRO A 36 -7.09 -3.89 -13.92
C PRO A 36 -7.56 -3.06 -15.10
N TRP A 37 -7.29 -3.47 -16.34
CA TRP A 37 -7.64 -2.68 -17.51
C TRP A 37 -7.95 -3.60 -18.68
N PHE A 38 -8.58 -3.03 -19.69
CA PHE A 38 -8.84 -3.74 -20.95
C PHE A 38 -8.30 -2.88 -22.09
N LEU A 39 -7.31 -3.42 -22.80
CA LEU A 39 -6.65 -2.71 -23.90
C LEU A 39 -6.62 -3.65 -25.11
N PRO A 40 -7.62 -3.55 -25.99
CA PRO A 40 -7.67 -4.49 -27.13
C PRO A 40 -6.48 -4.38 -28.06
N ALA A 41 -5.97 -3.18 -28.33
CA ALA A 41 -4.83 -3.07 -29.23
C ALA A 41 -3.57 -3.66 -28.61
N GLU A 42 -3.33 -3.41 -27.32
CA GLU A 42 -2.18 -4.00 -26.66
C GLU A 42 -2.29 -5.52 -26.61
N MET A 43 -3.51 -6.03 -26.40
CA MET A 43 -3.70 -7.49 -26.39
C MET A 43 -3.48 -8.08 -27.78
N ALA A 44 -3.87 -7.35 -28.82
CA ALA A 44 -3.60 -7.79 -30.19
C ALA A 44 -2.09 -7.86 -30.44
N ARG A 45 -1.36 -6.84 -29.99
CA ARG A 45 0.09 -6.88 -30.13
C ARG A 45 0.70 -8.02 -29.33
N PHE A 46 0.14 -8.29 -28.14
CA PHE A 46 0.59 -9.43 -27.35
C PHE A 46 0.45 -10.72 -28.13
N ALA A 47 -0.75 -10.95 -28.71
CA ALA A 47 -0.98 -12.16 -29.48
C ALA A 47 -0.02 -12.24 -30.66
N LYS A 48 0.19 -11.12 -31.36
CA LYS A 48 1.12 -11.12 -32.49
C LYS A 48 2.53 -11.50 -32.06
N LEU A 49 3.07 -10.77 -31.07
CA LEU A 49 4.45 -11.00 -30.64
C LEU A 49 4.64 -12.40 -30.08
N THR A 50 3.64 -12.96 -29.41
CA THR A 50 3.78 -14.29 -28.83
C THR A 50 3.47 -15.42 -29.82
N THR A 51 2.85 -15.10 -30.96
CA THR A 51 2.48 -16.12 -31.94
C THR A 51 3.44 -16.22 -33.11
N LEU A 52 3.88 -15.09 -33.66
CA LEU A 52 4.68 -15.11 -34.87
C LEU A 52 6.04 -15.77 -34.64
N THR A 53 6.44 -16.61 -35.59
CA THR A 53 7.73 -17.29 -35.58
C THR A 53 8.45 -17.01 -36.89
N THR A 54 9.79 -16.95 -36.81
CA THR A 54 10.58 -16.74 -38.01
C THR A 54 10.43 -17.91 -38.97
N ASP A 55 10.42 -19.13 -38.44
CA ASP A 55 10.24 -20.34 -39.23
C ASP A 55 8.79 -20.81 -39.05
N SER A 56 7.97 -20.60 -40.08
CA SER A 56 6.62 -21.14 -40.04
C SER A 56 6.67 -22.66 -39.96
N GLY A 57 5.63 -23.24 -39.36
CA GLY A 57 5.65 -24.64 -38.98
C GLY A 57 6.24 -24.87 -37.60
N LYS A 58 7.19 -24.03 -37.19
CA LYS A 58 7.58 -24.00 -35.80
C LYS A 58 6.60 -23.14 -35.01
N LYS A 59 6.54 -23.39 -33.71
CA LYS A 59 5.59 -22.72 -32.85
C LYS A 59 6.31 -22.01 -31.72
N ASN A 60 5.58 -21.13 -31.05
CA ASN A 60 6.04 -20.51 -29.82
C ASN A 60 5.34 -21.16 -28.64
N ALA A 61 5.95 -21.03 -27.47
CA ALA A 61 5.39 -21.57 -26.24
C ALA A 61 5.11 -20.43 -25.27
N VAL A 62 4.00 -20.54 -24.57
CA VAL A 62 3.65 -19.62 -23.48
C VAL A 62 3.61 -20.43 -22.20
N ILE A 63 4.42 -20.03 -21.23
CA ILE A 63 4.45 -20.65 -19.91
C ILE A 63 3.81 -19.68 -18.92
N MET A 64 2.81 -20.15 -18.20
CA MET A 64 2.01 -19.28 -17.34
C MET A 64 1.68 -19.98 -16.04
N GLY A 65 1.41 -19.18 -15.02
CA GLY A 65 0.90 -19.71 -13.77
C GLY A 65 -0.56 -20.10 -13.90
N ARG A 66 -1.06 -20.78 -12.86
CA ARG A 66 -2.43 -21.27 -12.89
C ARG A 66 -3.43 -20.12 -12.99
N LYS A 67 -3.18 -19.03 -12.28
CA LYS A 67 -4.16 -17.95 -12.23
C LYS A 67 -4.22 -17.18 -13.54
N VAL A 68 -3.10 -17.09 -14.27
CA VAL A 68 -3.15 -16.52 -15.62
C VAL A 68 -3.95 -17.41 -16.54
N TRP A 69 -3.74 -18.72 -16.48
CA TRP A 69 -4.52 -19.67 -17.26
C TRP A 69 -6.01 -19.53 -16.95
N GLU A 70 -6.35 -19.31 -15.68
CA GLU A 70 -7.74 -19.14 -15.29
C GLU A 70 -8.29 -17.77 -15.70
N SER A 71 -7.42 -16.78 -15.88
CA SER A 71 -7.85 -15.47 -16.36
C SER A 71 -8.04 -15.41 -17.87
N ILE A 72 -7.62 -16.44 -18.60
CA ILE A 72 -7.86 -16.51 -20.05
C ILE A 72 -9.29 -17.02 -20.28
N PRO A 73 -10.09 -16.35 -21.10
CA PRO A 73 -11.46 -16.82 -21.36
C PRO A 73 -11.46 -18.23 -21.89
N PRO A 74 -12.34 -19.09 -21.39
CA PRO A 74 -12.31 -20.51 -21.78
C PRO A 74 -12.48 -20.74 -23.28
N LYS A 75 -13.08 -19.79 -24.02
CA LYS A 75 -13.16 -19.97 -25.46
C LYS A 75 -11.79 -19.80 -26.10
N PHE A 76 -10.94 -18.96 -25.53
CA PHE A 76 -9.56 -18.79 -26.00
C PHE A 76 -8.56 -19.51 -25.11
N ARG A 77 -9.02 -20.39 -24.21
CA ARG A 77 -8.15 -20.87 -23.12
C ARG A 77 -6.87 -21.51 -23.64
N PRO A 78 -6.90 -22.50 -24.53
CA PRO A 78 -5.64 -22.91 -25.18
C PRO A 78 -5.27 -21.87 -26.23
N LEU A 79 -4.33 -20.98 -25.86
CA LEU A 79 -3.90 -19.89 -26.72
C LEU A 79 -3.55 -20.39 -28.11
N LYS A 80 -4.33 -19.94 -29.11
CA LYS A 80 -4.23 -20.51 -30.45
C LYS A 80 -2.84 -20.31 -31.04
N SER A 81 -2.39 -21.32 -31.79
CA SER A 81 -1.11 -21.32 -32.49
C SER A 81 0.10 -21.23 -31.56
N ARG A 82 -0.11 -21.45 -30.26
CA ARG A 82 0.98 -21.44 -29.28
C ARG A 82 0.82 -22.64 -28.36
N PHE A 83 1.96 -23.25 -28.00
CA PHE A 83 1.96 -24.36 -27.06
C PHE A 83 1.85 -23.84 -25.64
N ASN A 84 0.86 -24.33 -24.90
CA ASN A 84 0.53 -23.81 -23.58
C ASN A 84 1.13 -24.70 -22.50
N VAL A 85 1.90 -24.10 -21.61
CA VAL A 85 2.42 -24.77 -20.42
C VAL A 85 1.89 -24.04 -19.20
N VAL A 86 1.26 -24.78 -18.30
CA VAL A 86 0.66 -24.21 -17.10
C VAL A 86 1.35 -24.80 -15.89
N LEU A 87 2.00 -23.94 -15.10
CA LEU A 87 2.59 -24.36 -13.84
C LEU A 87 1.51 -24.42 -12.77
N SER A 88 1.39 -25.58 -12.13
CA SER A 88 0.38 -25.77 -11.09
C SER A 88 0.66 -27.04 -10.30
N LYS A 89 0.60 -26.93 -8.97
CA LYS A 89 0.71 -28.10 -8.10
C LYS A 89 -0.63 -28.77 -7.85
N LYS A 90 -1.75 -28.16 -8.26
CA LYS A 90 -3.07 -28.64 -7.88
C LYS A 90 -3.95 -29.11 -9.02
N MET A 91 -3.76 -28.60 -10.23
CA MET A 91 -4.67 -28.92 -11.33
C MET A 91 -4.41 -30.32 -11.88
N LYS A 92 -5.50 -30.99 -12.27
CA LYS A 92 -5.38 -32.28 -12.93
C LYS A 92 -4.83 -32.10 -14.35
N GLU A 93 -4.39 -33.21 -14.93
CA GLU A 93 -3.78 -33.19 -16.25
C GLU A 93 -4.78 -32.69 -17.30
N GLU A 94 -4.27 -31.93 -18.27
CA GLU A 94 -5.11 -31.36 -19.33
C GLU A 94 -5.08 -32.28 -20.54
N SER A 95 -6.24 -32.83 -20.90
CA SER A 95 -6.34 -33.77 -22.01
C SER A 95 -6.02 -33.14 -23.36
N ASN A 96 -6.10 -31.81 -23.46
CA ASN A 96 -5.80 -31.14 -24.71
C ASN A 96 -4.34 -31.36 -25.11
N GLU A 97 -4.11 -31.48 -26.41
CA GLU A 97 -2.77 -31.76 -26.92
C GLU A 97 -1.89 -30.51 -26.94
N ASN A 98 -2.47 -29.33 -26.90
CA ASN A 98 -1.71 -28.08 -26.94
C ASN A 98 -1.47 -27.50 -25.55
N VAL A 99 -2.03 -28.09 -24.51
CA VAL A 99 -1.82 -27.66 -23.14
C VAL A 99 -1.17 -28.79 -22.36
N VAL A 100 -0.21 -28.44 -21.52
CA VAL A 100 0.44 -29.40 -20.63
C VAL A 100 0.64 -28.74 -19.27
N VAL A 101 0.36 -29.49 -18.21
CA VAL A 101 0.49 -29.01 -16.84
C VAL A 101 1.83 -29.49 -16.30
N ALA A 102 2.68 -28.55 -15.90
CA ALA A 102 3.99 -28.84 -15.35
C ALA A 102 4.00 -28.51 -13.86
N ARG A 103 4.64 -29.38 -13.07
CA ARG A 103 4.63 -29.23 -11.63
C ARG A 103 5.77 -28.37 -11.09
N SER A 104 6.71 -27.98 -11.94
CA SER A 104 7.82 -27.14 -11.51
C SER A 104 8.37 -26.41 -12.73
N PHE A 105 9.01 -25.27 -12.46
CA PHE A 105 9.56 -24.46 -13.55
C PHE A 105 10.67 -25.21 -14.28
N GLU A 106 11.53 -25.92 -13.54
CA GLU A 106 12.61 -26.66 -14.17
C GLU A 106 12.08 -27.74 -15.10
N SER A 107 11.06 -28.47 -14.65
CA SER A 107 10.47 -29.51 -15.49
C SER A 107 9.80 -28.90 -16.72
N ALA A 108 9.15 -27.75 -16.55
CA ALA A 108 8.51 -27.10 -17.70
C ALA A 108 9.54 -26.66 -18.73
N VAL A 109 10.64 -26.05 -18.27
CA VAL A 109 11.67 -25.60 -19.19
C VAL A 109 12.34 -26.78 -19.87
N SER A 110 12.55 -27.88 -19.14
CA SER A 110 13.12 -29.08 -19.76
C SER A 110 12.17 -29.64 -20.82
N LEU A 111 10.88 -29.71 -20.51
CA LEU A 111 9.91 -30.20 -21.48
C LEU A 111 9.87 -29.34 -22.72
N LEU A 112 9.97 -28.01 -22.56
CA LEU A 112 9.95 -27.13 -23.71
C LEU A 112 11.23 -27.23 -24.54
N GLN A 113 12.38 -27.35 -23.86
CA GLN A 113 13.64 -27.48 -24.57
C GLN A 113 13.77 -28.84 -25.25
N ASP A 114 12.99 -29.83 -24.82
CA ASP A 114 12.97 -31.11 -25.52
C ASP A 114 12.24 -31.02 -26.86
N MET A 115 11.19 -30.21 -26.92
CA MET A 115 10.38 -30.08 -28.14
C MET A 115 11.12 -29.23 -29.17
N GLU A 116 11.35 -29.82 -30.36
CA GLU A 116 12.13 -29.15 -31.39
C GLU A 116 11.33 -28.09 -32.15
N ASN A 117 10.01 -28.22 -32.24
CA ASN A 117 9.21 -27.28 -33.01
C ASN A 117 8.89 -26.01 -32.24
N ILE A 118 9.36 -25.87 -31.00
CA ILE A 118 9.16 -24.66 -30.22
C ILE A 118 10.31 -23.69 -30.51
N GLU A 119 9.96 -22.47 -30.94
CA GLU A 119 10.95 -21.49 -31.34
C GLU A 119 11.35 -20.55 -30.21
N THR A 120 10.39 -20.08 -29.42
CA THR A 120 10.67 -19.12 -28.36
C THR A 120 9.69 -19.33 -27.23
N ILE A 121 10.20 -19.33 -26.00
CA ILE A 121 9.36 -19.47 -24.81
C ILE A 121 8.95 -18.08 -24.35
N TRP A 122 7.65 -17.79 -24.40
CA TRP A 122 7.11 -16.51 -23.96
C TRP A 122 6.59 -16.68 -22.54
N ASN A 123 7.34 -16.17 -21.57
CA ASN A 123 6.89 -16.12 -20.19
C ASN A 123 5.84 -15.03 -20.08
N ILE A 124 4.56 -15.44 -20.04
CA ILE A 124 3.46 -14.47 -19.91
C ILE A 124 3.06 -14.27 -18.46
N GLY A 125 3.61 -15.03 -17.53
CA GLY A 125 3.69 -14.54 -16.17
C GLY A 125 2.83 -15.11 -15.07
N GLY A 126 2.43 -14.22 -14.18
CA GLY A 126 2.24 -14.54 -12.78
C GLY A 126 3.54 -14.15 -12.10
N ARG A 127 3.47 -13.55 -10.90
CA ARG A 127 4.68 -12.98 -10.30
C ARG A 127 5.74 -14.05 -10.08
N GLU A 128 5.35 -15.21 -9.54
CA GLU A 128 6.32 -16.27 -9.31
C GLU A 128 6.92 -16.77 -10.62
N VAL A 129 6.10 -16.87 -11.66
CA VAL A 129 6.60 -17.28 -12.96
C VAL A 129 7.57 -16.25 -13.52
N TYR A 130 7.25 -14.96 -13.33
CA TYR A 130 8.14 -13.90 -13.79
C TYR A 130 9.48 -13.96 -13.07
N GLU A 131 9.47 -14.19 -11.75
CA GLU A 131 10.72 -14.30 -11.00
C GLU A 131 11.54 -15.49 -11.47
N LEU A 132 10.90 -16.65 -11.63
CA LEU A 132 11.61 -17.83 -12.09
C LEU A 132 12.23 -17.59 -13.46
N GLY A 133 11.49 -16.93 -14.36
CA GLY A 133 12.07 -16.57 -15.65
C GLY A 133 13.24 -15.60 -15.53
N LEU A 134 13.11 -14.62 -14.63
CA LEU A 134 14.18 -13.66 -14.41
C LEU A 134 15.44 -14.31 -13.84
N ASN A 135 15.33 -15.49 -13.24
CA ASN A 135 16.50 -16.23 -12.79
C ASN A 135 16.88 -17.36 -13.73
N SER A 136 16.21 -17.49 -14.88
CA SER A 136 16.49 -18.56 -15.82
C SER A 136 17.68 -18.24 -16.73
N PRO A 137 18.46 -19.24 -17.11
CA PRO A 137 19.54 -19.00 -18.08
C PRO A 137 19.02 -18.65 -19.47
N PHE A 138 17.80 -19.06 -19.82
CA PHE A 138 17.21 -18.76 -21.12
C PHE A 138 16.66 -17.34 -21.22
N LEU A 139 16.80 -16.53 -20.17
CA LEU A 139 16.26 -15.17 -20.19
C LEU A 139 16.92 -14.35 -21.29
N HIS A 140 16.10 -13.82 -22.20
CA HIS A 140 16.61 -13.01 -23.30
C HIS A 140 16.10 -11.58 -23.23
N GLN A 141 14.79 -11.36 -23.42
CA GLN A 141 14.26 -10.00 -23.49
C GLN A 141 13.03 -9.87 -22.59
N MET A 142 12.83 -8.64 -22.10
CA MET A 142 11.59 -8.25 -21.43
C MET A 142 10.85 -7.27 -22.33
N TYR A 143 9.58 -7.56 -22.59
CA TYR A 143 8.69 -6.67 -23.34
C TYR A 143 7.68 -6.11 -22.34
N ILE A 144 7.93 -4.89 -21.86
CA ILE A 144 7.18 -4.32 -20.75
C ILE A 144 6.31 -3.19 -21.28
N THR A 145 5.00 -3.32 -21.11
CA THR A 145 4.07 -2.25 -21.41
C THR A 145 3.83 -1.46 -20.13
N ARG A 146 4.25 -0.20 -20.12
CA ARG A 146 4.15 0.66 -18.95
C ARG A 146 2.90 1.53 -19.07
N VAL A 147 1.92 1.26 -18.22
CA VAL A 147 0.64 1.96 -18.21
C VAL A 147 0.70 3.08 -17.18
N GLU A 148 0.12 4.22 -17.50
CA GLU A 148 0.15 5.36 -16.59
C GLU A 148 -0.93 5.27 -15.53
N GLY A 149 -0.57 5.64 -14.31
CA GLY A 149 -1.52 5.72 -13.21
C GLY A 149 -1.44 4.53 -12.29
N ASP A 150 -2.19 4.63 -11.19
CA ASP A 150 -2.26 3.59 -10.17
C ASP A 150 -3.63 2.92 -10.28
N PHE A 151 -3.64 1.67 -10.75
CA PHE A 151 -4.87 0.90 -10.91
C PHE A 151 -5.21 0.08 -9.68
N LEU A 152 -4.52 0.32 -8.56
CA LEU A 152 -4.82 -0.32 -7.28
C LEU A 152 -4.74 -1.84 -7.41
N ALA A 153 -3.64 -2.32 -7.98
CA ALA A 153 -3.44 -3.74 -8.17
C ALA A 153 -3.10 -4.42 -6.85
N ASP A 154 -3.46 -5.70 -6.74
CA ASP A 154 -3.08 -6.52 -5.60
C ASP A 154 -1.96 -7.51 -5.93
N VAL A 155 -1.56 -7.61 -7.19
CA VAL A 155 -0.45 -8.45 -7.61
C VAL A 155 0.46 -7.61 -8.50
N PHE A 156 1.76 -7.71 -8.27
CA PHE A 156 2.73 -6.81 -8.88
C PHE A 156 3.78 -7.60 -9.67
N PHE A 157 4.47 -6.88 -10.54
CA PHE A 157 5.65 -7.43 -11.18
C PHE A 157 6.75 -7.59 -10.14
N PRO A 158 7.57 -8.63 -10.25
CA PRO A 158 8.68 -8.79 -9.30
C PRO A 158 9.64 -7.61 -9.35
N ARG A 159 10.32 -7.38 -8.24
CA ARG A 159 11.42 -6.43 -8.24
C ARG A 159 12.54 -6.95 -9.15
N VAL A 160 13.05 -6.08 -10.01
CA VAL A 160 14.05 -6.47 -11.00
C VAL A 160 15.09 -5.37 -11.12
N ASP A 161 16.36 -5.77 -11.23
CA ASP A 161 17.45 -4.83 -11.45
C ASP A 161 17.56 -4.59 -12.95
N TYR A 162 17.09 -3.42 -13.40
CA TYR A 162 17.20 -3.09 -14.82
C TYR A 162 18.64 -2.87 -15.25
N GLY A 163 19.58 -2.74 -14.32
CA GLY A 163 20.99 -2.66 -14.65
C GLY A 163 21.53 -3.91 -15.31
N ARG A 164 20.79 -5.01 -15.28
CA ARG A 164 21.16 -6.21 -16.01
C ARG A 164 20.80 -6.13 -17.49
N PHE A 165 20.01 -5.12 -17.88
CA PHE A 165 19.45 -5.05 -19.22
C PHE A 165 19.92 -3.80 -19.95
N ILE A 166 19.83 -3.87 -21.28
CA ILE A 166 20.02 -2.74 -22.18
C ILE A 166 18.67 -2.40 -22.79
N LYS A 167 18.25 -1.16 -22.67
CA LYS A 167 16.95 -0.72 -23.16
C LYS A 167 17.07 -0.36 -24.64
N SER A 168 16.25 -0.99 -25.46
CA SER A 168 16.26 -0.68 -26.89
C SER A 168 15.84 0.77 -27.11
N THR A 169 16.51 1.44 -28.03
CA THR A 169 16.33 2.86 -28.25
C THR A 169 15.41 3.16 -29.44
N GLU A 170 14.60 2.19 -29.88
CA GLU A 170 13.66 2.47 -30.95
C GLU A 170 12.63 3.49 -30.50
N SER A 171 12.11 4.27 -31.46
CA SER A 171 11.18 5.34 -31.16
C SER A 171 9.86 4.76 -30.65
N GLU A 172 9.50 5.10 -29.42
CA GLU A 172 8.28 4.61 -28.79
C GLU A 172 7.35 5.79 -28.51
N GLU A 173 6.27 5.90 -29.28
CA GLU A 173 5.25 6.89 -29.05
C GLU A 173 4.36 6.48 -27.88
N MET A 174 3.49 7.40 -27.47
CA MET A 174 2.50 7.10 -26.45
C MET A 174 1.24 6.56 -27.11
N HIS A 175 0.62 5.58 -26.47
CA HIS A 175 -0.61 4.97 -26.95
C HIS A 175 -1.73 5.23 -25.94
N GLU A 176 -2.96 5.25 -26.44
CA GLU A 176 -4.10 5.55 -25.57
C GLU A 176 -5.34 4.82 -26.05
N GLU A 177 -5.98 4.09 -25.13
CA GLU A 177 -7.27 3.45 -25.38
C GLU A 177 -8.15 3.67 -24.15
N LYS A 178 -9.37 4.18 -24.38
CA LYS A 178 -10.33 4.40 -23.31
C LYS A 178 -9.76 5.30 -22.22
N GLY A 179 -9.10 6.38 -22.61
CA GLY A 179 -8.47 7.27 -21.66
C GLY A 179 -7.31 6.68 -20.91
N ILE A 180 -6.94 5.44 -21.18
CA ILE A 180 -5.80 4.79 -20.54
C ILE A 180 -4.58 4.95 -21.44
N LYS A 181 -3.54 5.57 -20.92
CA LYS A 181 -2.31 5.81 -21.66
C LYS A 181 -1.24 4.78 -21.27
N TYR A 182 -0.42 4.40 -22.24
CA TYR A 182 0.64 3.44 -22.00
C TYR A 182 1.73 3.60 -23.06
N ARG A 183 2.88 2.97 -22.80
CA ARG A 183 4.01 3.04 -23.71
C ARG A 183 4.79 1.74 -23.66
N TYR A 184 5.33 1.32 -24.78
CA TYR A 184 6.06 0.07 -24.87
C TYR A 184 7.54 0.27 -24.54
N GLU A 185 8.14 -0.76 -23.94
CA GLU A 185 9.56 -0.78 -23.63
C GLU A 185 10.09 -2.17 -23.92
N ILE A 186 11.33 -2.24 -24.42
CA ILE A 186 11.99 -3.50 -24.74
C ILE A 186 13.38 -3.48 -24.08
N TYR A 187 13.66 -4.51 -23.29
CA TYR A 187 14.97 -4.68 -22.66
C TYR A 187 15.58 -5.99 -23.12
N THR A 188 16.90 -5.96 -23.35
CA THR A 188 17.65 -7.15 -23.75
C THR A 188 18.72 -7.41 -22.70
N ILE A 189 18.85 -8.67 -22.27
CA ILE A 189 19.81 -8.98 -21.21
C ILE A 189 21.22 -8.62 -21.66
N LYS A 190 22.01 -8.10 -20.72
CA LYS A 190 23.35 -7.63 -21.08
C LYS A 190 24.27 -8.79 -21.46
N THR A 191 24.01 -9.99 -20.94
CA THR A 191 24.80 -11.15 -21.35
C THR A 191 24.72 -11.35 -22.86
N ASP A 192 23.51 -11.23 -23.42
CA ASP A 192 23.35 -11.31 -24.88
C ASP A 192 23.73 -9.99 -25.54
N LYS A 193 23.44 -8.87 -24.88
CA LYS A 193 23.76 -7.54 -25.43
C LYS A 193 24.83 -6.85 -24.60
N ARG B 13 3.08 27.83 9.88
CA ARG B 13 2.01 27.73 8.90
C ARG B 13 2.16 26.49 8.03
N THR B 14 2.92 26.61 6.95
CA THR B 14 3.13 25.50 6.04
C THR B 14 4.14 24.52 6.62
N LEU B 15 3.89 23.23 6.42
CA LEU B 15 4.75 22.16 6.93
C LEU B 15 4.95 21.13 5.85
N HIS B 16 6.20 20.85 5.50
CA HIS B 16 6.53 19.88 4.47
C HIS B 16 7.04 18.60 5.11
N MET B 17 6.51 17.46 4.66
CA MET B 17 7.05 16.16 5.00
C MET B 17 7.81 15.63 3.79
N ASN B 18 9.12 15.58 3.90
CA ASN B 18 9.98 15.08 2.83
C ASN B 18 10.48 13.68 3.18
N LEU B 19 10.33 12.76 2.24
CA LEU B 19 10.86 11.41 2.39
C LEU B 19 12.30 11.37 1.92
N ILE B 20 13.16 10.68 2.68
CA ILE B 20 14.55 10.51 2.28
C ILE B 20 14.92 9.04 2.40
N VAL B 21 15.43 8.47 1.31
CA VAL B 21 15.68 7.04 1.23
C VAL B 21 16.81 6.79 0.23
N ALA B 22 17.49 5.66 0.41
CA ALA B 22 18.50 5.18 -0.54
C ALA B 22 18.10 3.77 -0.96
N VAL B 23 17.78 3.61 -2.24
CA VAL B 23 17.34 2.33 -2.78
C VAL B 23 18.40 1.81 -3.75
N ASP B 24 18.41 0.50 -3.92
CA ASP B 24 19.35 -0.13 -4.85
C ASP B 24 18.66 -0.33 -6.20
N GLY B 25 19.24 -1.16 -7.07
CA GLY B 25 18.67 -1.40 -8.38
C GLY B 25 17.36 -2.15 -8.35
N CYS B 26 17.08 -2.86 -7.25
CA CYS B 26 15.84 -3.61 -7.09
C CYS B 26 14.87 -2.94 -6.13
N GLY B 27 15.11 -1.67 -5.79
CA GLY B 27 14.29 -0.99 -4.81
C GLY B 27 14.48 -1.46 -3.39
N GLY B 28 15.51 -2.26 -3.12
CA GLY B 28 15.77 -2.71 -1.78
C GLY B 28 16.43 -1.63 -0.94
N ILE B 29 16.09 -1.61 0.35
CA ILE B 29 16.58 -0.56 1.24
C ILE B 29 17.28 -1.17 2.45
N GLY B 30 16.87 -2.37 2.86
CA GLY B 30 17.37 -2.96 4.08
C GLY B 30 17.62 -4.44 3.94
N ARG B 31 18.64 -4.91 4.64
CA ARG B 31 19.02 -6.33 4.65
C ARG B 31 19.45 -6.71 6.05
N ASN B 32 18.78 -7.72 6.63
CA ASN B 32 19.12 -8.26 7.95
C ASN B 32 19.05 -7.18 9.03
N GLY B 33 17.99 -6.38 9.01
CA GLY B 33 17.80 -5.35 10.00
C GLY B 33 18.71 -4.14 9.87
N GLY B 34 19.70 -4.18 8.99
CA GLY B 34 20.57 -3.04 8.75
C GLY B 34 20.61 -2.66 7.28
N MET B 35 21.50 -1.74 6.93
CA MET B 35 21.57 -1.33 5.53
C MET B 35 22.57 -2.21 4.77
N PRO B 36 22.28 -2.54 3.50
CA PRO B 36 23.16 -3.44 2.75
C PRO B 36 24.49 -2.82 2.35
N TRP B 37 24.72 -1.54 2.64
CA TRP B 37 25.94 -0.87 2.21
C TRP B 37 26.33 0.18 3.24
N PHE B 38 27.57 0.65 3.14
CA PHE B 38 28.07 1.73 3.98
C PHE B 38 28.62 2.82 3.09
N LEU B 39 28.02 4.01 3.18
CA LEU B 39 28.41 5.16 2.35
C LEU B 39 28.58 6.38 3.25
N PRO B 40 29.81 6.64 3.71
CA PRO B 40 30.01 7.78 4.62
C PRO B 40 29.66 9.13 4.02
N ALA B 41 29.98 9.36 2.75
CA ALA B 41 29.64 10.64 2.15
C ALA B 41 28.13 10.77 1.95
N GLU B 42 27.48 9.69 1.52
CA GLU B 42 26.03 9.70 1.37
C GLU B 42 25.35 9.90 2.72
N MET B 43 25.89 9.29 3.78
CA MET B 43 25.32 9.47 5.11
C MET B 43 25.54 10.89 5.62
N ALA B 44 26.69 11.49 5.29
CA ALA B 44 26.92 12.89 5.65
C ALA B 44 25.93 13.80 4.94
N ARG B 45 25.66 13.55 3.67
CA ARG B 45 24.65 14.30 2.95
C ARG B 45 23.27 14.09 3.54
N PHE B 46 22.97 12.87 3.98
CA PHE B 46 21.72 12.59 4.67
C PHE B 46 21.59 13.46 5.92
N ALA B 47 22.63 13.47 6.76
CA ALA B 47 22.61 14.28 7.98
C ALA B 47 22.43 15.76 7.66
N LYS B 48 23.15 16.25 6.64
CA LYS B 48 23.01 17.65 6.24
C LYS B 48 21.57 17.96 5.81
N LEU B 49 21.04 17.17 4.88
CA LEU B 49 19.72 17.42 4.33
C LEU B 49 18.65 17.36 5.42
N THR B 50 18.82 16.47 6.39
CA THR B 50 17.82 16.32 7.44
C THR B 50 18.02 17.28 8.61
N THR B 51 19.19 17.92 8.72
CA THR B 51 19.47 18.79 9.86
C THR B 51 19.34 20.27 9.53
N LEU B 52 19.84 20.71 8.38
CA LEU B 52 19.86 22.14 8.07
C LEU B 52 18.44 22.68 7.92
N THR B 53 18.21 23.86 8.49
CA THR B 53 16.92 24.53 8.41
C THR B 53 17.12 25.95 7.86
N THR B 54 16.11 26.42 7.11
CA THR B 54 16.13 27.79 6.61
C THR B 54 16.05 28.79 7.76
N ASP B 55 15.21 28.50 8.76
CA ASP B 55 15.03 29.36 9.92
C ASP B 55 15.85 28.81 11.08
N SER B 56 16.97 29.48 11.38
CA SER B 56 17.73 29.12 12.56
C SER B 56 16.91 29.35 13.82
N GLY B 57 17.21 28.58 14.86
CA GLY B 57 16.40 28.54 16.06
C GLY B 57 15.24 27.56 15.98
N LYS B 58 14.68 27.35 14.79
CA LYS B 58 13.73 26.27 14.58
C LYS B 58 14.48 24.96 14.31
N LYS B 59 13.76 23.85 14.48
CA LYS B 59 14.34 22.53 14.38
C LYS B 59 13.63 21.72 13.30
N ASN B 60 14.27 20.63 12.88
CA ASN B 60 13.64 19.65 12.01
C ASN B 60 13.27 18.41 12.82
N ALA B 61 12.30 17.67 12.29
CA ALA B 61 11.87 16.43 12.91
C ALA B 61 12.11 15.27 11.96
N VAL B 62 12.57 14.15 12.51
CA VAL B 62 12.70 12.90 11.78
C VAL B 62 11.78 11.88 12.43
N ILE B 63 10.86 11.34 11.64
CA ILE B 63 9.93 10.30 12.08
C ILE B 63 10.37 8.98 11.45
N MET B 64 10.59 7.97 12.29
CA MET B 64 11.17 6.72 11.84
C MET B 64 10.45 5.55 12.51
N GLY B 65 10.54 4.38 11.86
CA GLY B 65 10.05 3.16 12.46
C GLY B 65 10.99 2.62 13.53
N ARG B 66 10.49 1.62 14.26
CA ARG B 66 11.26 1.06 15.38
C ARG B 66 12.56 0.44 14.88
N LYS B 67 12.52 -0.27 13.75
CA LYS B 67 13.71 -0.99 13.31
C LYS B 67 14.78 -0.04 12.79
N VAL B 68 14.39 1.10 12.21
CA VAL B 68 15.35 2.14 11.87
C VAL B 68 15.99 2.69 13.13
N TRP B 69 15.17 2.97 14.16
CA TRP B 69 15.68 3.44 15.43
C TRP B 69 16.67 2.45 16.04
N GLU B 70 16.40 1.15 15.89
CA GLU B 70 17.30 0.13 16.41
C GLU B 70 18.54 -0.04 15.56
N SER B 71 18.49 0.30 14.27
CA SER B 71 19.66 0.22 13.42
C SER B 71 20.61 1.39 13.59
N ILE B 72 20.23 2.42 14.32
CA ILE B 72 21.12 3.53 14.63
C ILE B 72 21.99 3.14 15.82
N PRO B 73 23.31 3.30 15.74
CA PRO B 73 24.18 2.96 16.88
C PRO B 73 23.81 3.78 18.10
N PRO B 74 23.77 3.17 19.29
CA PRO B 74 23.32 3.87 20.49
C PRO B 74 24.13 5.13 20.82
N LYS B 75 25.36 5.24 20.31
CA LYS B 75 26.12 6.47 20.53
C LYS B 75 25.53 7.63 19.75
N PHE B 76 24.94 7.34 18.59
CA PHE B 76 24.24 8.33 17.79
C PHE B 76 22.73 8.27 17.97
N ARG B 77 22.27 7.54 19.01
CA ARG B 77 20.87 7.10 19.06
C ARG B 77 19.87 8.25 18.94
N PRO B 78 19.90 9.29 19.79
CA PRO B 78 19.09 10.47 19.48
C PRO B 78 19.77 11.31 18.42
N LEU B 79 19.31 11.22 17.16
CA LEU B 79 19.90 11.97 16.06
C LEU B 79 20.06 13.44 16.44
N LYS B 80 21.32 13.89 16.56
CA LYS B 80 21.61 15.21 17.10
C LYS B 80 21.01 16.31 16.25
N SER B 81 20.57 17.38 16.92
CA SER B 81 20.01 18.58 16.32
C SER B 81 18.71 18.33 15.56
N ARG B 82 18.10 17.17 15.75
CA ARG B 82 16.83 16.84 15.13
C ARG B 82 15.93 16.20 16.18
N PHE B 83 14.64 16.55 16.14
CA PHE B 83 13.67 15.95 17.03
C PHE B 83 13.28 14.58 16.50
N ASN B 84 13.43 13.56 17.34
CA ASN B 84 13.25 12.17 16.93
C ASN B 84 11.88 11.66 17.35
N VAL B 85 11.12 11.15 16.39
CA VAL B 85 9.85 10.48 16.64
C VAL B 85 9.98 9.04 16.18
N VAL B 86 9.66 8.10 17.06
CA VAL B 86 9.77 6.68 16.76
C VAL B 86 8.39 6.06 16.82
N LEU B 87 7.92 5.55 15.69
CA LEU B 87 6.67 4.81 15.65
C LEU B 87 6.89 3.39 16.12
N SER B 88 6.13 2.97 17.13
CA SER B 88 6.24 1.62 17.67
C SER B 88 5.07 1.30 18.58
N LYS B 89 4.47 0.13 18.38
CA LYS B 89 3.42 -0.34 19.26
C LYS B 89 3.96 -1.07 20.49
N LYS B 90 5.26 -1.34 20.53
CA LYS B 90 5.85 -2.17 21.57
C LYS B 90 6.86 -1.46 22.46
N MET B 91 7.48 -0.38 22.00
CA MET B 91 8.54 0.26 22.77
C MET B 91 7.96 1.06 23.93
N LYS B 92 8.67 1.01 25.06
CA LYS B 92 8.34 1.86 26.19
C LYS B 92 8.72 3.31 25.90
N GLU B 93 8.18 4.21 26.72
CA GLU B 93 8.46 5.63 26.52
C GLU B 93 9.94 5.92 26.70
N GLU B 94 10.46 6.83 25.89
CA GLU B 94 11.87 7.21 25.93
C GLU B 94 12.01 8.45 26.81
N SER B 95 12.75 8.31 27.91
CA SER B 95 12.90 9.40 28.87
C SER B 95 13.63 10.60 28.29
N ASN B 96 14.39 10.41 27.22
CA ASN B 96 15.12 11.51 26.60
C ASN B 96 14.14 12.57 26.08
N GLU B 97 14.55 13.84 26.17
CA GLU B 97 13.69 14.94 25.76
C GLU B 97 13.66 15.13 24.25
N ASN B 98 14.64 14.60 23.52
CA ASN B 98 14.71 14.75 22.08
C ASN B 98 14.13 13.55 21.34
N VAL B 99 13.74 12.50 22.06
CA VAL B 99 13.11 11.32 21.47
C VAL B 99 11.71 11.19 22.05
N VAL B 100 10.75 10.85 21.20
CA VAL B 100 9.39 10.60 21.63
C VAL B 100 8.85 9.38 20.89
N VAL B 101 8.15 8.51 21.61
CA VAL B 101 7.58 7.29 21.07
C VAL B 101 6.12 7.56 20.73
N ALA B 102 5.77 7.41 19.47
CA ALA B 102 4.41 7.60 18.98
C ALA B 102 3.81 6.26 18.61
N ARG B 103 2.53 6.07 18.96
CA ARG B 103 1.87 4.80 18.74
C ARG B 103 1.18 4.71 17.38
N SER B 104 1.13 5.80 16.63
CA SER B 104 0.49 5.79 15.32
C SER B 104 1.03 6.95 14.50
N PHE B 105 0.93 6.80 13.17
CA PHE B 105 1.41 7.85 12.27
C PHE B 105 0.60 9.12 12.43
N GLU B 106 -0.72 8.99 12.56
CA GLU B 106 -1.58 10.17 12.69
C GLU B 106 -1.28 10.95 13.95
N SER B 107 -1.11 10.25 15.08
CA SER B 107 -0.78 10.94 16.32
C SER B 107 0.58 11.60 16.24
N ALA B 108 1.54 10.97 15.56
CA ALA B 108 2.86 11.57 15.38
C ALA B 108 2.79 12.84 14.56
N VAL B 109 2.02 12.80 13.46
CA VAL B 109 1.90 13.99 12.62
C VAL B 109 1.19 15.10 13.38
N SER B 110 0.18 14.76 14.18
CA SER B 110 -0.49 15.78 15.00
C SER B 110 0.47 16.38 16.01
N LEU B 111 1.28 15.54 16.66
CA LEU B 111 2.27 16.03 17.61
C LEU B 111 3.27 16.96 16.95
N LEU B 112 3.69 16.63 15.72
CA LEU B 112 4.66 17.49 15.04
C LEU B 112 4.02 18.79 14.58
N GLN B 113 2.79 18.75 14.10
CA GLN B 113 2.13 20.00 13.69
C GLN B 113 1.75 20.86 14.89
N ASP B 114 1.67 20.29 16.09
CA ASP B 114 1.44 21.12 17.27
C ASP B 114 2.67 21.95 17.60
N MET B 115 3.87 21.39 17.41
CA MET B 115 5.10 22.10 17.71
C MET B 115 5.38 23.13 16.63
N GLU B 116 5.49 24.40 17.03
CA GLU B 116 5.69 25.47 16.05
C GLU B 116 7.13 25.56 15.57
N ASN B 117 8.08 25.12 16.39
CA ASN B 117 9.50 25.23 16.06
C ASN B 117 10.00 24.16 15.12
N ILE B 118 9.13 23.25 14.67
CA ILE B 118 9.50 22.24 13.70
C ILE B 118 9.30 22.80 12.30
N GLU B 119 10.36 22.80 11.49
CA GLU B 119 10.31 23.40 10.17
C GLU B 119 9.95 22.40 9.08
N THR B 120 10.52 21.20 9.13
CA THR B 120 10.29 20.19 8.10
C THR B 120 10.35 18.82 8.74
N ILE B 121 9.39 17.97 8.40
CA ILE B 121 9.35 16.59 8.89
C ILE B 121 10.08 15.71 7.88
N TRP B 122 11.20 15.13 8.28
CA TRP B 122 11.98 14.26 7.42
C TRP B 122 11.62 12.80 7.73
N ASN B 123 10.82 12.21 6.86
CA ASN B 123 10.50 10.78 6.94
C ASN B 123 11.73 10.00 6.51
N ILE B 124 12.46 9.46 7.50
CA ILE B 124 13.65 8.67 7.20
C ILE B 124 13.35 7.18 7.10
N GLY B 125 12.13 6.77 7.43
CA GLY B 125 11.63 5.53 6.88
C GLY B 125 11.42 4.30 7.73
N GLY B 126 11.67 3.15 7.10
CA GLY B 126 10.93 1.94 7.36
C GLY B 126 9.85 1.89 6.29
N ARG B 127 9.58 0.71 5.72
CA ARG B 127 8.70 0.66 4.55
C ARG B 127 7.31 1.18 4.88
N GLU B 128 6.73 0.73 5.99
CA GLU B 128 5.38 1.16 6.34
C GLU B 128 5.33 2.66 6.62
N VAL B 129 6.37 3.20 7.26
CA VAL B 129 6.41 4.65 7.49
C VAL B 129 6.52 5.40 6.17
N TYR B 130 7.30 4.87 5.23
CA TYR B 130 7.37 5.48 3.90
C TYR B 130 6.02 5.48 3.21
N GLU B 131 5.28 4.37 3.32
CA GLU B 131 3.96 4.28 2.71
C GLU B 131 2.99 5.30 3.34
N LEU B 132 3.00 5.37 4.67
CA LEU B 132 2.14 6.33 5.36
C LEU B 132 2.48 7.76 4.95
N GLY B 133 3.77 8.08 4.83
CA GLY B 133 4.16 9.40 4.34
C GLY B 133 3.71 9.64 2.92
N LEU B 134 3.83 8.62 2.06
CA LEU B 134 3.38 8.74 0.67
C LEU B 134 1.89 8.97 0.59
N ASN B 135 1.13 8.61 1.63
CA ASN B 135 -0.28 8.90 1.68
C ASN B 135 -0.61 10.10 2.58
N SER B 136 0.40 10.80 3.09
CA SER B 136 0.15 11.94 3.94
C SER B 136 -0.13 13.20 3.12
N PRO B 137 -1.00 14.08 3.60
CA PRO B 137 -1.22 15.36 2.89
C PRO B 137 -0.01 16.26 2.91
N PHE B 138 0.87 16.11 3.90
CA PHE B 138 2.07 16.93 4.00
C PHE B 138 3.19 16.49 3.07
N LEU B 139 2.94 15.49 2.22
CA LEU B 139 3.96 14.99 1.32
C LEU B 139 4.40 16.09 0.36
N HIS B 140 5.70 16.41 0.38
CA HIS B 140 6.25 17.45 -0.47
C HIS B 140 7.28 16.89 -1.44
N GLN B 141 8.42 16.41 -0.95
CA GLN B 141 9.49 15.96 -1.82
C GLN B 141 10.00 14.59 -1.39
N MET B 142 10.48 13.83 -2.38
CA MET B 142 11.23 12.61 -2.17
C MET B 142 12.67 12.84 -2.57
N TYR B 143 13.59 12.51 -1.67
CA TYR B 143 15.04 12.58 -1.92
C TYR B 143 15.55 11.14 -1.98
N ILE B 144 15.69 10.62 -3.20
CA ILE B 144 15.98 9.21 -3.42
C ILE B 144 17.41 9.06 -3.92
N THR B 145 18.21 8.31 -3.17
CA THR B 145 19.54 7.92 -3.62
C THR B 145 19.42 6.58 -4.32
N ARG B 146 19.68 6.56 -5.63
CA ARG B 146 19.54 5.36 -6.44
C ARG B 146 20.91 4.71 -6.55
N VAL B 147 21.08 3.56 -5.89
CA VAL B 147 22.34 2.82 -5.84
C VAL B 147 22.33 1.75 -6.92
N GLU B 148 23.47 1.54 -7.56
CA GLU B 148 23.58 0.56 -8.64
C GLU B 148 23.78 -0.84 -8.08
N GLY B 149 23.11 -1.81 -8.70
CA GLY B 149 23.30 -3.21 -8.39
C GLY B 149 22.22 -3.77 -7.48
N ASP B 150 22.27 -5.09 -7.30
CA ASP B 150 21.36 -5.83 -6.43
C ASP B 150 22.12 -6.27 -5.20
N PHE B 151 21.84 -5.64 -4.07
CA PHE B 151 22.50 -5.97 -2.80
C PHE B 151 21.74 -6.98 -1.97
N LEU B 152 20.76 -7.67 -2.56
CA LEU B 152 20.05 -8.77 -1.90
C LEU B 152 19.35 -8.30 -0.62
N ALA B 153 18.59 -7.22 -0.73
CA ALA B 153 17.87 -6.68 0.40
C ALA B 153 16.64 -7.53 0.71
N ASP B 154 16.24 -7.53 1.99
CA ASP B 154 15.00 -8.19 2.40
C ASP B 154 13.88 -7.20 2.69
N VAL B 155 14.16 -5.90 2.65
CA VAL B 155 13.14 -4.86 2.82
C VAL B 155 13.31 -3.86 1.68
N PHE B 156 12.19 -3.46 1.08
CA PHE B 156 12.20 -2.65 -0.13
C PHE B 156 11.43 -1.35 0.10
N PHE B 157 11.69 -0.38 -0.78
CA PHE B 157 10.89 0.82 -0.82
C PHE B 157 9.48 0.47 -1.30
N PRO B 158 8.46 1.16 -0.79
CA PRO B 158 7.09 0.88 -1.25
C PRO B 158 6.94 1.12 -2.73
N ARG B 159 5.98 0.41 -3.33
CA ARG B 159 5.58 0.73 -4.70
C ARG B 159 4.99 2.12 -4.71
N VAL B 160 5.42 2.95 -5.65
CA VAL B 160 5.02 4.35 -5.69
C VAL B 160 4.80 4.76 -7.14
N ASP B 161 3.75 5.55 -7.38
CA ASP B 161 3.45 6.09 -8.69
C ASP B 161 4.26 7.37 -8.88
N TYR B 162 5.34 7.28 -9.66
CA TYR B 162 6.14 8.46 -9.94
C TYR B 162 5.42 9.48 -10.82
N GLY B 163 4.31 9.09 -11.44
CA GLY B 163 3.50 10.05 -12.18
C GLY B 163 2.87 11.11 -11.32
N ARG B 164 2.87 10.93 -10.00
CA ARG B 164 2.41 11.96 -9.07
C ARG B 164 3.43 13.05 -8.84
N PHE B 165 4.68 12.85 -9.25
CA PHE B 165 5.78 13.74 -8.92
C PHE B 165 6.40 14.32 -10.19
N ILE B 166 7.10 15.43 -10.01
CA ILE B 166 7.94 16.03 -11.04
C ILE B 166 9.38 15.82 -10.63
N LYS B 167 10.16 15.21 -11.51
CA LYS B 167 11.56 14.91 -11.23
C LYS B 167 12.40 16.14 -11.53
N SER B 168 13.18 16.59 -10.55
CA SER B 168 14.03 17.75 -10.75
C SER B 168 15.06 17.46 -11.84
N THR B 169 15.27 18.44 -12.71
CA THR B 169 16.14 18.29 -13.88
C THR B 169 17.53 18.87 -13.65
N GLU B 170 17.92 19.09 -12.41
CA GLU B 170 19.28 19.54 -12.13
C GLU B 170 20.29 18.49 -12.55
N SER B 171 21.48 18.96 -12.93
CA SER B 171 22.52 18.06 -13.39
C SER B 171 23.01 17.21 -12.22
N GLU B 172 22.85 15.89 -12.32
CA GLU B 172 23.21 14.98 -11.26
C GLU B 172 24.33 14.07 -11.75
N GLU B 173 25.53 14.28 -11.23
CA GLU B 173 26.65 13.42 -11.55
C GLU B 173 26.51 12.08 -10.84
N MET B 174 27.37 11.13 -11.22
CA MET B 174 27.45 9.85 -10.54
C MET B 174 28.47 9.94 -9.41
N HIS B 175 28.16 9.30 -8.29
CA HIS B 175 29.05 9.26 -7.15
C HIS B 175 29.48 7.81 -6.91
N GLU B 176 30.66 7.63 -6.30
CA GLU B 176 31.18 6.30 -6.10
C GLU B 176 32.02 6.26 -4.83
N GLU B 177 31.71 5.30 -3.95
CA GLU B 177 32.51 5.03 -2.76
C GLU B 177 32.65 3.53 -2.61
N LYS B 178 33.88 3.06 -2.44
CA LYS B 178 34.18 1.64 -2.24
C LYS B 178 33.61 0.79 -3.38
N GLY B 179 33.82 1.24 -4.61
CA GLY B 179 33.29 0.57 -5.77
C GLY B 179 31.78 0.58 -5.90
N ILE B 180 31.07 1.20 -4.95
CA ILE B 180 29.62 1.29 -5.00
C ILE B 180 29.25 2.61 -5.67
N LYS B 181 28.51 2.52 -6.78
CA LYS B 181 28.08 3.68 -7.55
C LYS B 181 26.64 4.03 -7.22
N TYR B 182 26.33 5.32 -7.25
CA TYR B 182 24.97 5.78 -6.97
C TYR B 182 24.77 7.16 -7.59
N ARG B 183 23.50 7.59 -7.61
CA ARG B 183 23.13 8.87 -8.19
C ARG B 183 21.94 9.43 -7.42
N TYR B 184 21.90 10.76 -7.28
CA TYR B 184 20.85 11.42 -6.52
C TYR B 184 19.66 11.77 -7.41
N GLU B 185 18.47 11.73 -6.82
CA GLU B 185 17.25 12.12 -7.51
C GLU B 185 16.35 12.87 -6.54
N ILE B 186 15.65 13.89 -7.07
CA ILE B 186 14.74 14.71 -6.28
C ILE B 186 13.41 14.77 -7.01
N TYR B 187 12.34 14.40 -6.32
CA TYR B 187 10.98 14.48 -6.85
C TYR B 187 10.16 15.42 -5.99
N THR B 188 9.31 16.21 -6.64
CA THR B 188 8.41 17.14 -5.94
C THR B 188 6.97 16.80 -6.28
N ILE B 189 6.11 16.73 -5.27
CA ILE B 189 4.73 16.36 -5.52
C ILE B 189 4.06 17.40 -6.41
N LYS B 190 3.20 16.93 -7.31
CA LYS B 190 2.56 17.83 -8.27
C LYS B 190 1.54 18.75 -7.62
N THR B 191 0.95 18.32 -6.49
CA THR B 191 -0.02 19.16 -5.79
C THR B 191 0.59 20.50 -5.37
N ASP B 192 1.79 20.47 -4.82
CA ASP B 192 2.47 21.70 -4.42
C ASP B 192 2.97 22.49 -5.63
N LYS B 193 3.34 21.77 -6.68
C ARG C 13 -12.10 23.60 17.46
N THR C 14 -12.78 23.13 18.51
CA THR C 14 -12.57 21.79 19.02
C THR C 14 -13.27 20.76 18.13
N LEU C 15 -12.61 19.62 17.93
CA LEU C 15 -13.14 18.54 17.10
C LEU C 15 -12.97 17.23 17.87
N HIS C 16 -14.08 16.53 18.08
CA HIS C 16 -14.09 15.30 18.85
C HIS C 16 -14.24 14.10 17.93
N MET C 17 -13.41 13.08 18.15
CA MET C 17 -13.59 11.76 17.53
C MET C 17 -14.14 10.82 18.59
N ASN C 18 -15.40 10.44 18.46
CA ASN C 18 -16.05 9.50 19.36
C ASN C 18 -16.15 8.14 18.70
N LEU C 19 -15.73 7.10 19.42
CA LEU C 19 -15.89 5.73 18.95
C LEU C 19 -17.24 5.20 19.38
N ILE C 20 -17.90 4.47 18.47
CA ILE C 20 -19.18 3.84 18.76
C ILE C 20 -19.11 2.38 18.31
N VAL C 21 -19.45 1.46 19.22
CA VAL C 21 -19.29 0.03 18.99
C VAL C 21 -20.32 -0.73 19.81
N ALA C 22 -20.64 -1.94 19.35
CA ALA C 22 -21.48 -2.88 20.09
C ALA C 22 -20.70 -4.17 20.25
N VAL C 23 -20.35 -4.50 21.49
CA VAL C 23 -19.56 -5.69 21.79
C VAL C 23 -20.41 -6.65 22.62
N ASP C 24 -20.07 -7.92 22.54
CA ASP C 24 -20.76 -8.95 23.30
C ASP C 24 -19.99 -9.20 24.60
N GLY C 25 -20.27 -10.33 25.26
CA GLY C 25 -19.58 -10.66 26.50
C GLY C 25 -18.12 -10.97 26.30
N CYS C 26 -17.71 -11.32 25.08
CA CYS C 26 -16.33 -11.63 24.76
C CYS C 26 -15.65 -10.52 23.97
N GLY C 27 -16.25 -9.34 23.91
CA GLY C 27 -15.71 -8.27 23.10
C GLY C 27 -15.83 -8.48 21.62
N GLY C 28 -16.60 -9.47 21.17
CA GLY C 28 -16.79 -9.69 19.75
C GLY C 28 -17.75 -8.67 19.15
N ILE C 29 -17.46 -8.28 17.91
CA ILE C 29 -18.24 -7.24 17.26
C ILE C 29 -18.79 -7.74 15.93
N GLY C 30 -18.08 -8.65 15.28
CA GLY C 30 -18.44 -9.07 13.94
C GLY C 30 -18.26 -10.57 13.73
N ARG C 31 -19.14 -11.12 12.90
CA ARG C 31 -19.12 -12.53 12.54
C ARG C 31 -19.44 -12.66 11.07
N ASN C 32 -18.52 -13.27 10.31
CA ASN C 32 -18.70 -13.52 8.87
C ASN C 32 -18.96 -12.23 8.10
N GLY C 33 -18.17 -11.20 8.40
CA GLY C 33 -18.27 -9.93 7.70
C GLY C 33 -19.49 -9.09 8.03
N GLY C 34 -20.44 -9.62 8.80
CA GLY C 34 -21.59 -8.84 9.20
C GLY C 34 -21.76 -8.83 10.71
N MET C 35 -22.90 -8.31 11.18
CA MET C 35 -23.01 -8.31 12.64
C MET C 35 -23.64 -9.61 13.12
N PRO C 36 -23.19 -10.13 14.27
CA PRO C 36 -23.73 -11.40 14.77
C PRO C 36 -25.14 -11.30 15.31
N TRP C 37 -25.74 -10.12 15.34
CA TRP C 37 -27.07 -9.93 15.91
C TRP C 37 -27.79 -8.82 15.17
N PHE C 38 -29.11 -8.75 15.37
CA PHE C 38 -29.94 -7.69 14.82
C PHE C 38 -30.70 -7.02 15.95
N LEU C 39 -30.44 -5.74 16.17
CA LEU C 39 -31.07 -4.96 17.23
C LEU C 39 -31.59 -3.67 16.60
N PRO C 40 -32.85 -3.65 16.16
CA PRO C 40 -33.37 -2.45 15.49
C PRO C 40 -33.37 -1.20 16.35
N ALA C 41 -33.72 -1.32 17.63
CA ALA C 41 -33.71 -0.16 18.52
C ALA C 41 -32.29 0.33 18.76
N GLU C 42 -31.36 -0.61 18.93
CA GLU C 42 -29.95 -0.24 19.11
C GLU C 42 -29.41 0.47 17.88
N MET C 43 -29.77 0.01 16.68
CA MET C 43 -29.35 0.70 15.46
C MET C 43 -30.03 2.06 15.31
N ALA C 44 -31.28 2.18 15.75
CA ALA C 44 -31.94 3.48 15.72
C ALA C 44 -31.21 4.47 16.62
N ARG C 45 -30.82 4.04 17.82
CA ARG C 45 -30.05 4.92 18.69
C ARG C 45 -28.69 5.23 18.08
N PHE C 46 -28.08 4.25 17.41
CA PHE C 46 -26.83 4.50 16.70
C PHE C 46 -26.99 5.62 15.69
N ALA C 47 -28.01 5.52 14.84
CA ALA C 47 -28.26 6.55 13.84
C ALA C 47 -28.53 7.91 14.50
N LYS C 48 -29.33 7.91 15.57
CA LYS C 48 -29.63 9.17 16.26
C LYS C 48 -28.36 9.82 16.79
N LEU C 49 -27.58 9.08 17.59
CA LEU C 49 -26.37 9.64 18.18
C LEU C 49 -25.36 10.05 17.13
N THR C 50 -25.28 9.34 16.01
CA THR C 50 -24.30 9.67 14.99
C THR C 50 -24.79 10.75 14.03
N THR C 51 -26.08 11.08 14.04
CA THR C 51 -26.64 12.06 13.12
C THR C 51 -26.87 13.43 13.74
N LEU C 52 -27.39 13.50 14.96
CA LEU C 52 -27.76 14.77 15.55
C LEU C 52 -26.54 15.63 15.84
N THR C 53 -26.65 16.93 15.53
CA THR C 53 -25.63 17.91 15.84
C THR C 53 -26.26 19.06 16.61
N THR C 54 -25.47 19.65 17.52
CA THR C 54 -25.94 20.82 18.25
C THR C 54 -26.17 22.00 17.33
N ASP C 55 -25.28 22.20 16.36
CA ASP C 55 -25.37 23.30 15.41
C ASP C 55 -25.94 22.77 14.11
N SER C 56 -27.19 23.13 13.82
CA SER C 56 -27.77 22.80 12.51
C SER C 56 -26.98 23.53 11.43
N GLY C 57 -26.96 22.94 10.24
CA GLY C 57 -26.08 23.39 9.18
C GLY C 57 -24.71 22.74 9.25
N LYS C 58 -24.25 22.39 10.44
CA LYS C 58 -23.08 21.54 10.58
C LYS C 58 -23.46 20.08 10.43
N LYS C 59 -22.46 19.26 10.11
CA LYS C 59 -22.64 17.84 9.83
C LYS C 59 -21.78 17.01 10.77
N ASN C 60 -22.09 15.72 10.85
CA ASN C 60 -21.21 14.76 11.49
C ASN C 60 -20.55 13.89 10.44
N ALA C 61 -19.41 13.31 10.81
CA ALA C 61 -18.67 12.43 9.93
C ALA C 61 -18.56 11.05 10.57
N VAL C 62 -18.69 10.02 9.74
CA VAL C 62 -18.45 8.64 10.15
C VAL C 62 -17.29 8.10 9.34
N ILE C 63 -16.24 7.65 10.03
CA ILE C 63 -15.07 7.05 9.40
C ILE C 63 -15.13 5.55 9.69
N MET C 64 -15.09 4.74 8.63
CA MET C 64 -15.30 3.32 8.76
C MET C 64 -14.32 2.57 7.87
N GLY C 65 -14.06 1.32 8.24
CA GLY C 65 -13.26 0.46 7.39
C GLY C 65 -14.06 -0.04 6.19
N ARG C 66 -13.35 -0.65 5.25
CA ARG C 66 -14.01 -1.12 4.02
C ARG C 66 -15.07 -2.16 4.33
N LYS C 67 -14.77 -3.08 5.26
CA LYS C 67 -15.69 -4.18 5.50
C LYS C 67 -16.94 -3.71 6.22
N VAL C 68 -16.85 -2.67 7.05
CA VAL C 68 -18.06 -2.05 7.61
C VAL C 68 -18.88 -1.43 6.49
N TRP C 69 -18.20 -0.71 5.58
CA TRP C 69 -18.89 -0.13 4.43
C TRP C 69 -19.61 -1.18 3.61
N GLU C 70 -19.00 -2.36 3.45
CA GLU C 70 -19.62 -3.45 2.73
C GLU C 70 -20.72 -4.14 3.52
N SER C 71 -20.69 -4.04 4.86
CA SER C 71 -21.74 -4.59 5.69
C SER C 71 -22.96 -3.69 5.75
N ILE C 72 -22.87 -2.48 5.23
CA ILE C 72 -24.04 -1.58 5.16
C ILE C 72 -24.87 -1.97 3.95
N PRO C 73 -26.18 -2.14 4.10
CA PRO C 73 -27.04 -2.49 2.96
C PRO C 73 -26.92 -1.43 1.88
N PRO C 74 -26.80 -1.84 0.61
CA PRO C 74 -26.58 -0.86 -0.46
C PRO C 74 -27.68 0.18 -0.58
N LYS C 75 -28.88 -0.11 -0.06
CA LYS C 75 -29.94 0.89 -0.07
C LYS C 75 -29.67 2.02 0.92
N PHE C 76 -28.97 1.71 2.02
CA PHE C 76 -28.58 2.71 3.00
C PHE C 76 -27.11 3.11 2.84
N ARG C 77 -26.49 2.78 1.71
CA ARG C 77 -25.03 2.75 1.56
C ARG C 77 -24.39 4.08 1.95
N PRO C 78 -24.76 5.23 1.37
CA PRO C 78 -24.30 6.50 1.94
C PRO C 78 -25.12 6.85 3.17
N LEU C 79 -24.57 6.62 4.36
CA LEU C 79 -25.27 6.90 5.61
C LEU C 79 -25.89 8.30 5.61
N LYS C 80 -27.21 8.36 5.63
CA LYS C 80 -27.92 9.63 5.42
C LYS C 80 -27.58 10.64 6.52
N SER C 81 -27.51 11.91 6.11
CA SER C 81 -27.25 13.05 6.98
C SER C 81 -25.87 13.01 7.63
N ARG C 82 -24.97 12.16 7.16
CA ARG C 82 -23.62 12.06 7.69
C ARG C 82 -22.62 11.96 6.55
N PHE C 83 -21.47 12.62 6.70
CA PHE C 83 -20.40 12.52 5.71
C PHE C 83 -19.61 11.24 5.94
N ASN C 84 -19.50 10.43 4.89
CA ASN C 84 -18.92 9.09 4.99
C ASN C 84 -17.48 9.08 4.51
N VAL C 85 -16.58 8.58 5.36
CA VAL C 85 -15.19 8.36 5.01
C VAL C 85 -14.91 6.87 5.13
N VAL C 86 -14.39 6.27 4.07
CA VAL C 86 -14.10 4.85 4.02
C VAL C 86 -12.60 4.67 3.87
N LEU C 87 -11.99 4.05 4.87
CA LEU C 87 -10.57 3.71 4.80
C LEU C 87 -10.40 2.44 3.97
N SER C 88 -9.58 2.52 2.92
CA SER C 88 -9.34 1.36 2.07
C SER C 88 -8.15 1.61 1.14
N LYS C 89 -7.24 0.64 1.06
CA LYS C 89 -6.15 0.69 0.10
C LYS C 89 -6.54 0.09 -1.26
N LYS C 90 -7.72 -0.53 -1.36
CA LYS C 90 -8.10 -1.28 -2.54
C LYS C 90 -9.29 -0.69 -3.31
N MET C 91 -10.15 0.06 -2.65
CA MET C 91 -11.37 0.54 -3.29
C MET C 91 -11.06 1.66 -4.27
N LYS C 92 -11.78 1.66 -5.40
CA LYS C 92 -11.73 2.77 -6.34
C LYS C 92 -12.45 3.97 -5.74
N GLU C 93 -12.18 5.14 -6.32
CA GLU C 93 -12.80 6.37 -5.83
C GLU C 93 -14.32 6.33 -5.96
N GLU C 94 -15.00 6.89 -4.97
CA GLU C 94 -16.45 6.90 -4.92
C GLU C 94 -16.97 8.21 -5.52
N SER C 95 -17.72 8.10 -6.63
CA SER C 95 -18.23 9.28 -7.31
C SER C 95 -19.23 10.06 -6.47
N ASN C 96 -19.84 9.43 -5.48
CA ASN C 96 -20.81 10.11 -4.62
C ASN C 96 -20.12 11.24 -3.85
N GLU C 97 -20.86 12.33 -3.66
CA GLU C 97 -20.30 13.50 -2.99
C GLU C 97 -20.26 13.37 -1.48
N ASN C 98 -21.04 12.45 -0.91
CA ASN C 98 -21.09 12.27 0.54
C ASN C 98 -20.19 11.14 1.01
N VAL C 99 -19.56 10.42 0.10
CA VAL C 99 -18.63 9.34 0.43
C VAL C 99 -17.27 9.73 -0.13
N VAL C 100 -16.22 9.45 0.64
CA VAL C 100 -14.85 9.67 0.18
C VAL C 100 -13.99 8.51 0.66
N VAL C 101 -13.15 8.01 -0.25
CA VAL C 101 -12.25 6.90 0.04
C VAL C 101 -10.88 7.46 0.40
N ALA C 102 -10.41 7.17 1.61
CA ALA C 102 -9.14 7.63 2.11
C ALA C 102 -8.16 6.46 2.20
N ARG C 103 -6.91 6.71 1.82
CA ARG C 103 -5.89 5.67 1.79
C ARG C 103 -5.16 5.49 3.11
N SER C 104 -5.39 6.37 4.08
CA SER C 104 -4.72 6.25 5.37
C SER C 104 -5.56 7.00 6.41
N PHE C 105 -5.40 6.58 7.67
CA PHE C 105 -6.13 7.20 8.76
C PHE C 105 -5.73 8.66 8.95
N GLU C 106 -4.43 8.95 8.83
CA GLU C 106 -3.95 10.31 9.01
C GLU C 106 -4.52 11.24 7.94
N SER C 107 -4.52 10.79 6.68
CA SER C 107 -5.08 11.60 5.61
C SER C 107 -6.57 11.82 5.80
N ALA C 108 -7.29 10.81 6.28
CA ALA C 108 -8.73 10.96 6.51
C ALA C 108 -8.99 11.96 7.62
N VAL C 109 -8.25 11.89 8.72
CA VAL C 109 -8.45 12.83 9.81
C VAL C 109 -8.09 14.24 9.37
N SER C 110 -7.05 14.39 8.55
CA SER C 110 -6.72 15.72 8.02
C SER C 110 -7.82 16.26 7.13
N LEU C 111 -8.37 15.40 6.25
CA LEU C 111 -9.47 15.82 5.39
C LEU C 111 -10.68 16.26 6.20
N LEU C 112 -10.99 15.54 7.28
CA LEU C 112 -12.15 15.89 8.09
C LEU C 112 -11.89 17.16 8.90
N GLN C 113 -10.68 17.34 9.42
CA GLN C 113 -10.37 18.55 10.17
C GLN C 113 -10.29 19.77 9.27
N ASP C 114 -10.08 19.57 7.96
CA ASP C 114 -10.13 20.71 7.04
C ASP C 114 -11.56 21.22 6.85
N MET C 115 -12.53 20.32 6.86
CA MET C 115 -13.92 20.71 6.63
C MET C 115 -14.48 21.39 7.87
N GLU C 116 -14.96 22.63 7.72
CA GLU C 116 -15.45 23.39 8.85
C GLU C 116 -16.84 22.96 9.29
N ASN C 117 -17.65 22.44 8.36
CA ASN C 117 -19.03 22.07 8.69
C ASN C 117 -19.15 20.71 9.36
N ILE C 118 -18.04 20.01 9.56
CA ILE C 118 -18.06 18.73 10.28
C ILE C 118 -17.89 19.02 11.76
N GLU C 119 -18.84 18.56 12.56
CA GLU C 119 -18.87 18.86 13.99
C GLU C 119 -18.20 17.78 14.82
N THR C 120 -18.43 16.51 14.50
CA THR C 120 -17.90 15.40 15.28
C THR C 120 -17.62 14.23 14.36
N ILE C 121 -16.45 13.62 14.53
CA ILE C 121 -16.07 12.44 13.76
C ILE C 121 -16.49 11.20 14.56
N TRP C 122 -17.41 10.42 14.00
CA TRP C 122 -17.88 9.21 14.65
C TRP C 122 -17.16 8.01 14.04
N ASN C 123 -16.21 7.47 14.80
CA ASN C 123 -15.53 6.23 14.45
C ASN C 123 -16.50 5.08 14.66
N ILE C 124 -17.11 4.60 13.56
CA ILE C 124 -18.04 3.47 13.66
C ILE C 124 -17.33 2.13 13.43
N GLY C 125 -16.06 2.15 13.05
CA GLY C 125 -15.23 1.00 13.32
C GLY C 125 -14.73 0.10 12.20
N GLY C 126 -14.63 -1.18 12.55
CA GLY C 126 -13.60 -2.05 12.03
C GLY C 126 -12.50 -2.03 13.09
N ARG C 127 -11.89 -3.17 13.39
CA ARG C 127 -10.99 -3.23 14.54
C ARG C 127 -9.81 -2.29 14.37
N GLU C 128 -9.18 -2.28 13.19
CA GLU C 128 -8.03 -1.42 12.98
C GLU C 128 -8.42 0.05 13.08
N VAL C 129 -9.60 0.40 12.58
CA VAL C 129 -10.08 1.77 12.70
C VAL C 129 -10.34 2.14 14.16
N TYR C 130 -10.90 1.19 14.94
CA TYR C 130 -11.10 1.44 16.36
C TYR C 130 -9.79 1.66 17.09
N GLU C 131 -8.77 0.86 16.77
CA GLU C 131 -7.45 1.03 17.40
C GLU C 131 -6.85 2.38 17.06
N LEU C 132 -6.91 2.76 15.77
CA LEU C 132 -6.38 4.06 15.36
C LEU C 132 -7.11 5.19 16.07
N GLY C 133 -8.44 5.08 16.21
CA GLY C 133 -9.18 6.08 16.98
C GLY C 133 -8.77 6.11 18.43
N LEU C 134 -8.51 4.95 19.01
CA LEU C 134 -8.03 4.88 20.40
C LEU C 134 -6.64 5.49 20.55
N ASN C 135 -5.86 5.57 19.47
CA ASN C 135 -4.57 6.25 19.50
C ASN C 135 -4.60 7.63 18.86
N SER C 136 -5.76 8.10 18.42
CA SER C 136 -5.82 9.42 17.81
C SER C 136 -5.91 10.50 18.89
N PRO C 137 -5.31 11.67 18.65
CA PRO C 137 -5.45 12.77 19.61
C PRO C 137 -6.87 13.29 19.74
N PHE C 138 -7.70 13.13 18.72
CA PHE C 138 -9.08 13.60 18.75
C PHE C 138 -10.00 12.69 19.54
N LEU C 139 -9.47 11.63 20.15
CA LEU C 139 -10.29 10.70 20.91
C LEU C 139 -10.93 11.40 22.09
N HIS C 140 -12.26 11.37 22.14
CA HIS C 140 -13.01 12.01 23.23
C HIS C 140 -13.79 10.97 24.03
N GLN C 141 -14.80 10.33 23.44
CA GLN C 141 -15.67 9.42 24.16
C GLN C 141 -15.81 8.10 23.41
N MET C 142 -16.05 7.05 24.18
CA MET C 142 -16.44 5.74 23.66
C MET C 142 -17.89 5.48 24.02
N TYR C 143 -18.71 5.16 23.03
CA TYR C 143 -20.09 4.76 23.24
C TYR C 143 -20.18 3.26 22.92
N ILE C 144 -20.11 2.44 23.96
CA ILE C 144 -19.96 0.99 23.82
C ILE C 144 -21.27 0.33 24.20
N THR C 145 -21.84 -0.44 23.28
CA THR C 145 -23.01 -1.27 23.58
C THR C 145 -22.50 -2.65 24.00
N ARG C 146 -22.74 -3.01 25.25
CA ARG C 146 -22.28 -4.27 25.81
C ARG C 146 -23.43 -5.27 25.73
N VAL C 147 -23.30 -6.26 24.85
CA VAL C 147 -24.33 -7.26 24.61
C VAL C 147 -24.02 -8.49 25.45
N GLU C 148 -25.06 -9.12 25.99
CA GLU C 148 -24.87 -10.29 26.84
C GLU C 148 -24.74 -11.54 26.00
N GLY C 149 -23.83 -12.42 26.40
CA GLY C 149 -23.65 -13.71 25.77
C GLY C 149 -22.48 -13.75 24.81
N ASP C 150 -22.20 -14.96 24.33
CA ASP C 150 -21.12 -15.22 23.37
C ASP C 150 -21.75 -15.54 22.03
N PHE C 151 -21.64 -14.60 21.09
CA PHE C 151 -22.21 -14.77 19.76
C PHE C 151 -21.23 -15.38 18.76
N LEU C 152 -20.11 -15.92 19.24
CA LEU C 152 -19.15 -16.64 18.39
C LEU C 152 -18.63 -15.75 17.27
N ALA C 153 -18.18 -14.55 17.64
CA ALA C 153 -17.65 -13.60 16.68
C ALA C 153 -16.26 -14.01 16.22
N ASP C 154 -15.91 -13.60 14.99
CA ASP C 154 -14.56 -13.78 14.46
C ASP C 154 -13.75 -12.49 14.42
N VAL C 155 -14.37 -11.35 14.73
CA VAL C 155 -13.69 -10.07 14.80
C VAL C 155 -14.09 -9.39 16.11
N PHE C 156 -13.11 -8.84 16.81
CA PHE C 156 -13.31 -8.33 18.16
C PHE C 156 -12.93 -6.86 18.25
N PHE C 157 -13.42 -6.23 19.32
CA PHE C 157 -12.98 -4.89 19.66
C PHE C 157 -11.51 -4.93 20.10
N PRO C 158 -10.74 -3.88 19.79
CA PRO C 158 -9.35 -3.85 20.24
C PRO C 158 -9.25 -3.88 21.75
N ARG C 159 -8.11 -4.37 22.24
CA ARG C 159 -7.79 -4.24 23.65
C ARG C 159 -7.62 -2.77 24.00
N VAL C 160 -8.23 -2.35 25.10
CA VAL C 160 -8.24 -0.95 25.50
C VAL C 160 -8.07 -0.86 27.01
N ASP C 161 -7.28 0.11 27.45
CA ASP C 161 -7.08 0.38 28.88
C ASP C 161 -8.21 1.30 29.33
N TYR C 162 -9.19 0.73 30.04
CA TYR C 162 -10.27 1.55 30.57
C TYR C 162 -9.80 2.50 31.67
N GLY C 163 -8.59 2.30 32.20
CA GLY C 163 -8.03 3.25 33.14
C GLY C 163 -7.75 4.61 32.54
N ARG C 164 -7.78 4.72 31.21
CA ARG C 164 -7.66 6.01 30.55
C ARG C 164 -8.96 6.80 30.56
N PHE C 165 -10.07 6.17 30.91
CA PHE C 165 -11.39 6.76 30.76
C PHE C 165 -12.09 6.87 32.11
N ILE C 166 -13.07 7.77 32.15
CA ILE C 166 -14.02 7.91 33.25
C ILE C 166 -15.36 7.44 32.73
N LYS C 167 -15.95 6.47 33.42
CA LYS C 167 -17.21 5.88 33.01
C LYS C 167 -18.35 6.74 33.57
N SER C 168 -19.24 7.19 32.68
CA SER C 168 -20.37 8.00 33.11
C SER C 168 -21.26 7.20 34.05
N THR C 169 -21.71 7.85 35.13
CA THR C 169 -22.46 7.19 36.17
C THR C 169 -23.97 7.41 36.05
N GLU C 170 -24.44 7.82 34.87
CA GLU C 170 -25.88 7.93 34.67
C GLU C 170 -26.51 6.55 34.74
N SER C 171 -27.76 6.52 35.19
CA SER C 171 -28.47 5.26 35.39
C SER C 171 -28.74 4.59 34.06
N GLU C 172 -28.19 3.39 33.88
CA GLU C 172 -28.33 2.64 32.63
C GLU C 172 -29.11 1.36 32.92
N GLU C 173 -30.36 1.33 32.48
CA GLU C 173 -31.17 0.14 32.60
C GLU C 173 -30.75 -0.90 31.57
N MET C 174 -31.31 -2.10 31.71
CA MET C 174 -31.07 -3.17 30.75
C MET C 174 -32.09 -3.11 29.62
N HIS C 175 -31.62 -3.39 28.41
CA HIS C 175 -32.48 -3.40 27.23
C HIS C 175 -32.50 -4.81 26.64
N GLU C 176 -33.60 -5.13 25.95
CA GLU C 176 -33.77 -6.47 25.40
C GLU C 176 -34.61 -6.43 24.13
N GLU C 177 -34.08 -7.02 23.06
CA GLU C 177 -34.81 -7.20 21.80
C GLU C 177 -34.55 -8.61 21.30
N LYS C 178 -35.62 -9.33 20.97
CA LYS C 178 -35.53 -10.70 20.46
C LYS C 178 -34.75 -11.60 21.42
N GLY C 179 -35.06 -11.48 22.71
CA GLY C 179 -34.35 -12.23 23.73
C GLY C 179 -32.89 -11.88 23.89
N ILE C 180 -32.37 -10.93 23.12
CA ILE C 180 -30.99 -10.49 23.24
C ILE C 180 -30.95 -9.30 24.16
N LYS C 181 -30.19 -9.41 25.25
CA LYS C 181 -30.04 -8.35 26.22
C LYS C 181 -28.75 -7.58 26.00
N TYR C 182 -28.79 -6.29 26.26
CA TYR C 182 -27.61 -5.43 26.13
C TYR C 182 -27.80 -4.19 26.99
N ARG C 183 -26.71 -3.45 27.16
CA ARG C 183 -26.69 -2.25 27.98
C ARG C 183 -25.70 -1.24 27.39
N TYR C 184 -26.04 0.04 27.50
CA TYR C 184 -25.20 1.10 26.95
C TYR C 184 -24.17 1.56 27.98
N GLU C 185 -23.01 1.97 27.47
CA GLU C 185 -21.94 2.50 28.32
C GLU C 185 -21.30 3.69 27.60
N ILE C 186 -20.94 4.70 28.39
CA ILE C 186 -20.29 5.91 27.88
C ILE C 186 -19.03 6.14 28.69
N TYR C 187 -17.90 6.26 28.00
CA TYR C 187 -16.61 6.54 28.62
C TYR C 187 -16.05 7.83 28.05
N THR C 188 -15.44 8.65 28.89
CA THR C 188 -14.81 9.90 28.46
C THR C 188 -13.32 9.87 28.81
N ILE C 189 -12.48 10.28 27.87
CA ILE C 189 -11.04 10.23 28.10
C ILE C 189 -10.68 11.11 29.30
N LYS C 190 -9.72 10.63 30.11
CA LYS C 190 -9.36 11.34 31.34
C LYS C 190 -8.63 12.65 31.06
N THR C 191 -7.94 12.75 29.92
CA THR C 191 -7.25 13.99 29.60
C THR C 191 -8.22 15.16 29.54
N ASP C 192 -9.38 14.95 28.93
CA ASP C 192 -10.41 15.98 28.86
C ASP C 192 -11.16 16.09 30.19
#